data_3TRI
#
_entry.id   3TRI
#
_cell.length_a   75.411
_cell.length_b   75.411
_cell.length_c   189.234
_cell.angle_alpha   90.000
_cell.angle_beta   90.000
_cell.angle_gamma   120.000
#
_symmetry.space_group_name_H-M   'P 65'
#
loop_
_entity.id
_entity.type
_entity.pdbx_description
1 polymer 'Pyrroline-5-carboxylate reductase'
2 non-polymer 'NADP NICOTINAMIDE-ADENINE-DINUCLEOTIDE PHOSPHATE'
3 non-polymer 'PHOSPHATE ION'
4 non-polymer 'CHLORIDE ION'
5 water water
#
_entity_poly.entity_id   1
_entity_poly.type   'polypeptide(L)'
_entity_poly.pdbx_seq_one_letter_code
;(MSE)NTSNITFIGGGN(MSE)ARNIVVGLIANGYDPNRICVTNRSLDKLDFFKEKCGVHTTQDNRQGALNADVVVLAVK
PHQIK(MSE)VCEELKDILSETKILVISLAVGVTTPLIEKWLGKASRIVRA(MSE)PNTPSSVRAGATGLFANETVDKDQ
KNLAESI(MSE)RAVGLVIWVSSEDQIEKIAALSGSGPAYIFLI(MSE)EALQEAAEQLGLTKETAELLTEQTVLGAAR
(MSE)ALETEQSVVQLRQFVTSPGGTTEQAIKVLESGNLRELFIKALTAAVNRAKELSKTVDQENLYFQ
;
_entity_poly.pdbx_strand_id   A,B
#
loop_
_chem_comp.id
_chem_comp.type
_chem_comp.name
_chem_comp.formula
CL non-polymer 'CHLORIDE ION' 'Cl -1'
NAP non-polymer 'NADP NICOTINAMIDE-ADENINE-DINUCLEOTIDE PHOSPHATE' 'C21 H28 N7 O17 P3'
PO4 non-polymer 'PHOSPHATE ION' 'O4 P -3'
#
# COMPACT_ATOMS: atom_id res chain seq x y z
N ASN A 2 19.07 -15.39 11.45
CA ASN A 2 19.88 -14.18 11.30
C ASN A 2 21.38 -14.45 11.39
N THR A 3 21.76 -15.72 11.40
CA THR A 3 23.18 -16.08 11.54
C THR A 3 23.72 -16.83 10.32
N SER A 4 22.85 -17.26 9.42
CA SER A 4 23.28 -18.03 8.27
C SER A 4 24.07 -17.20 7.28
N ASN A 5 25.07 -17.82 6.66
CA ASN A 5 25.73 -17.21 5.52
C ASN A 5 24.86 -17.42 4.29
N ILE A 6 24.45 -16.31 3.67
CA ILE A 6 23.52 -16.40 2.55
C ILE A 6 24.17 -15.90 1.29
N THR A 7 24.23 -16.76 0.29
CA THR A 7 24.77 -16.36 -1.00
C THR A 7 23.70 -16.33 -2.07
N PHE A 8 23.51 -15.17 -2.69
CA PHE A 8 22.60 -15.03 -3.81
C PHE A 8 23.35 -15.23 -5.11
N ILE A 9 22.91 -16.23 -5.88
CA ILE A 9 23.46 -16.44 -7.21
C ILE A 9 22.68 -15.57 -8.17
N GLY A 10 23.36 -14.58 -8.73
CA GLY A 10 22.69 -13.57 -9.52
C GLY A 10 22.32 -12.42 -8.60
N GLY A 11 22.46 -11.20 -9.10
CA GLY A 11 22.16 -10.02 -8.32
C GLY A 11 21.26 -9.07 -9.07
N GLY A 12 20.17 -9.61 -9.62
CA GLY A 12 19.24 -8.82 -10.40
C GLY A 12 18.24 -8.06 -9.54
N ASN A 13 17.00 -7.96 -10.03
CA ASN A 13 15.94 -7.27 -9.30
C ASN A 13 15.50 -8.00 -8.04
N MSE A 14 15.14 -9.27 -8.19
CA MSE A 14 14.68 -10.06 -7.05
C MSE A 14 15.75 -10.17 -5.98
O MSE A 14 15.47 -9.99 -4.79
CB MSE A 14 14.25 -11.46 -7.52
CG MSE A 14 13.20 -12.10 -6.61
SE MSE A 14 11.69 -10.92 -6.25
CE MSE A 14 12.27 -10.18 -4.55
N ALA A 15 16.99 -10.46 -6.38
CA ALA A 15 18.09 -10.55 -5.43
C ALA A 15 18.28 -9.23 -4.70
N ARG A 16 18.32 -8.14 -5.46
CA ARG A 16 18.50 -6.82 -4.90
C ARG A 16 17.42 -6.50 -3.87
N ASN A 17 16.17 -6.85 -4.17
CA ASN A 17 15.07 -6.53 -3.28
C ASN A 17 15.05 -7.34 -1.99
N ILE A 18 15.35 -8.63 -2.08
CA ILE A 18 15.49 -9.45 -0.88
C ILE A 18 16.61 -8.91 0.00
N VAL A 19 17.76 -8.66 -0.62
CA VAL A 19 18.93 -8.17 0.09
C VAL A 19 18.68 -6.82 0.76
N VAL A 20 18.05 -5.90 0.04
CA VAL A 20 17.69 -4.62 0.60
C VAL A 20 16.76 -4.84 1.78
N GLY A 21 15.81 -5.75 1.62
CA GLY A 21 14.89 -6.11 2.69
C GLY A 21 15.61 -6.68 3.91
N LEU A 22 16.51 -7.64 3.69
CA LEU A 22 17.24 -8.28 4.77
C LEU A 22 18.09 -7.28 5.57
N ILE A 23 18.81 -6.43 4.86
CA ILE A 23 19.63 -5.41 5.49
C ILE A 23 18.75 -4.48 6.31
N ALA A 24 17.59 -4.14 5.76
CA ALA A 24 16.66 -3.24 6.43
C ALA A 24 16.19 -3.87 7.73
N ASN A 25 16.17 -5.19 7.78
CA ASN A 25 15.71 -5.91 8.96
C ASN A 25 16.81 -6.10 9.99
N GLY A 26 18.02 -5.67 9.66
CA GLY A 26 19.13 -5.72 10.59
C GLY A 26 20.08 -6.87 10.32
N TYR A 27 19.85 -7.57 9.21
CA TYR A 27 20.71 -8.69 8.87
C TYR A 27 22.14 -8.20 8.63
N ASP A 28 23.10 -8.90 9.24
CA ASP A 28 24.50 -8.56 9.11
C ASP A 28 24.96 -8.64 7.66
N PRO A 29 25.40 -7.50 7.11
CA PRO A 29 25.87 -7.44 5.72
C PRO A 29 27.01 -8.42 5.51
N ASN A 30 27.79 -8.62 6.57
CA ASN A 30 28.94 -9.52 6.53
C ASN A 30 28.54 -10.97 6.25
N ARG A 31 27.30 -11.32 6.57
CA ARG A 31 26.83 -12.69 6.38
C ARG A 31 26.16 -12.90 5.02
N ILE A 32 26.14 -11.87 4.19
CA ILE A 32 25.49 -11.94 2.90
C ILE A 32 26.48 -11.78 1.75
N CYS A 33 26.29 -12.59 0.70
CA CYS A 33 27.11 -12.49 -0.49
C CYS A 33 26.25 -12.51 -1.74
N VAL A 34 26.55 -11.62 -2.69
CA VAL A 34 25.81 -11.57 -3.94
C VAL A 34 26.78 -11.77 -5.10
N THR A 35 26.40 -12.67 -6.01
CA THR A 35 27.19 -12.90 -7.20
C THR A 35 26.37 -12.52 -8.41
N ASN A 36 27.04 -12.23 -9.52
CA ASN A 36 26.34 -11.89 -10.76
C ASN A 36 27.31 -11.97 -11.93
N ARG A 37 26.85 -12.53 -13.04
CA ARG A 37 27.72 -12.73 -14.19
C ARG A 37 28.37 -11.42 -14.64
N SER A 38 27.59 -10.34 -14.66
CA SER A 38 28.13 -9.03 -15.02
C SER A 38 28.46 -8.20 -13.78
N LEU A 39 29.42 -7.30 -13.92
CA LEU A 39 30.01 -6.59 -12.78
C LEU A 39 29.20 -5.40 -12.26
N ASP A 40 28.57 -4.68 -13.18
CA ASP A 40 27.93 -3.40 -12.82
C ASP A 40 26.86 -3.52 -11.74
N LYS A 41 26.02 -4.55 -11.83
CA LYS A 41 24.95 -4.74 -10.86
C LYS A 41 25.49 -4.97 -9.45
N LEU A 42 26.70 -5.51 -9.36
CA LEU A 42 27.31 -5.81 -8.06
C LEU A 42 27.70 -4.55 -7.29
N ASP A 43 27.87 -3.45 -8.01
CA ASP A 43 28.27 -2.19 -7.39
C ASP A 43 27.28 -1.70 -6.34
N PHE A 44 25.99 -1.79 -6.64
CA PHE A 44 24.96 -1.42 -5.68
C PHE A 44 25.09 -2.21 -4.38
N PHE A 45 25.29 -3.52 -4.50
CA PHE A 45 25.38 -4.39 -3.34
C PHE A 45 26.61 -4.08 -2.49
N LYS A 46 27.70 -3.71 -3.16
CA LYS A 46 28.95 -3.42 -2.48
C LYS A 46 28.91 -2.08 -1.78
N GLU A 47 28.29 -1.10 -2.43
CA GLU A 47 28.38 0.29 -1.97
C GLU A 47 27.16 0.78 -1.19
N LYS A 48 25.99 0.26 -1.51
CA LYS A 48 24.78 0.63 -0.79
C LYS A 48 24.48 -0.34 0.35
N CYS A 49 24.55 -1.64 0.07
CA CYS A 49 24.20 -2.66 1.06
C CYS A 49 25.39 -3.04 1.94
N GLY A 50 26.60 -2.89 1.42
CA GLY A 50 27.81 -3.23 2.14
C GLY A 50 27.97 -4.73 2.32
N VAL A 51 27.41 -5.49 1.39
CA VAL A 51 27.54 -6.95 1.44
C VAL A 51 28.65 -7.41 0.51
N HIS A 52 29.10 -8.64 0.71
CA HIS A 52 30.12 -9.22 -0.15
C HIS A 52 29.59 -9.36 -1.57
N THR A 53 30.41 -8.98 -2.53
CA THR A 53 30.07 -9.16 -3.93
C THR A 53 31.17 -9.94 -4.63
N THR A 54 30.79 -10.75 -5.60
CA THR A 54 31.76 -11.48 -6.41
C THR A 54 31.16 -11.93 -7.73
N GLN A 55 31.96 -11.83 -8.79
CA GLN A 55 31.52 -12.20 -10.13
C GLN A 55 31.61 -13.71 -10.36
N ASP A 56 32.08 -14.43 -9.35
CA ASP A 56 32.29 -15.87 -9.46
C ASP A 56 31.35 -16.67 -8.56
N ASN A 57 30.41 -17.39 -9.18
CA ASN A 57 29.39 -18.13 -8.45
C ASN A 57 29.94 -19.10 -7.41
N ARG A 58 31.00 -19.82 -7.77
CA ARG A 58 31.57 -20.84 -6.89
C ARG A 58 32.21 -20.23 -5.65
N GLN A 59 32.88 -19.09 -5.82
CA GLN A 59 33.53 -18.43 -4.70
C GLN A 59 32.51 -17.90 -3.71
N GLY A 60 31.42 -17.35 -4.23
CA GLY A 60 30.35 -16.86 -3.38
C GLY A 60 29.69 -17.99 -2.61
N ALA A 61 29.43 -19.09 -3.31
CA ALA A 61 28.75 -20.23 -2.70
C ALA A 61 29.62 -20.95 -1.69
N LEU A 62 30.93 -20.73 -1.77
CA LEU A 62 31.90 -21.50 -0.99
C LEU A 62 31.53 -21.73 0.47
N ASN A 63 31.38 -20.65 1.24
CA ASN A 63 31.15 -20.78 2.68
C ASN A 63 29.68 -20.74 3.09
N ALA A 64 28.81 -20.42 2.12
CA ALA A 64 27.40 -20.19 2.40
C ALA A 64 26.71 -21.34 3.13
N ASP A 65 25.83 -21.00 4.07
CA ASP A 65 25.00 -21.98 4.75
C ASP A 65 23.71 -22.14 3.98
N VAL A 66 23.41 -21.12 3.17
CA VAL A 66 22.21 -21.10 2.34
C VAL A 66 22.53 -20.44 1.01
N VAL A 67 22.10 -21.06 -0.08
CA VAL A 67 22.30 -20.49 -1.40
C VAL A 67 20.98 -20.19 -2.07
N VAL A 68 20.79 -18.93 -2.46
CA VAL A 68 19.55 -18.50 -3.09
C VAL A 68 19.77 -18.27 -4.58
N LEU A 69 19.11 -19.08 -5.40
CA LEU A 69 19.24 -18.98 -6.84
C LEU A 69 18.33 -17.89 -7.39
N ALA A 70 18.93 -16.76 -7.76
CA ALA A 70 18.18 -15.59 -8.22
C ALA A 70 18.52 -15.24 -9.66
N VAL A 71 18.71 -16.26 -10.48
CA VAL A 71 18.95 -16.03 -11.90
C VAL A 71 17.67 -16.34 -12.66
N LYS A 72 17.62 -15.99 -13.94
CA LYS A 72 16.48 -16.32 -14.79
C LYS A 72 16.23 -17.82 -14.70
N PRO A 73 14.99 -18.25 -14.96
CA PRO A 73 14.64 -19.67 -14.88
C PRO A 73 15.47 -20.52 -15.85
N HIS A 74 15.78 -19.96 -17.01
CA HIS A 74 16.56 -20.68 -18.03
C HIS A 74 18.06 -20.62 -17.74
N GLN A 75 18.41 -20.15 -16.56
CA GLN A 75 19.81 -20.05 -16.14
C GLN A 75 20.03 -20.84 -14.86
N ILE A 76 18.98 -21.48 -14.38
CA ILE A 76 19.03 -22.25 -13.15
C ILE A 76 19.83 -23.55 -13.32
N LYS A 77 19.62 -24.22 -14.45
CA LYS A 77 20.27 -25.48 -14.74
C LYS A 77 21.79 -25.37 -14.68
N MSE A 78 22.35 -24.46 -15.46
CA MSE A 78 23.80 -24.27 -15.50
C MSE A 78 24.32 -23.88 -14.12
O MSE A 78 25.32 -24.44 -13.66
CB MSE A 78 24.20 -23.23 -16.54
CG MSE A 78 23.58 -21.85 -16.34
SE MSE A 78 24.63 -20.46 -17.23
CE MSE A 78 23.28 -19.05 -17.36
N VAL A 79 23.66 -22.93 -13.49
CA VAL A 79 24.04 -22.50 -12.15
C VAL A 79 24.10 -23.68 -11.18
N CYS A 80 23.15 -24.61 -11.33
CA CYS A 80 23.10 -25.80 -10.48
C CYS A 80 24.23 -26.78 -10.79
N GLU A 81 24.54 -26.94 -12.07
CA GLU A 81 25.65 -27.80 -12.47
C GLU A 81 26.96 -27.16 -12.04
N GLU A 82 27.08 -25.86 -12.26
CA GLU A 82 28.26 -25.10 -11.88
C GLU A 82 28.60 -25.27 -10.40
N LEU A 83 27.58 -25.51 -9.59
CA LEU A 83 27.74 -25.57 -8.14
C LEU A 83 27.34 -26.92 -7.56
N LYS A 84 26.92 -27.83 -8.41
CA LYS A 84 26.42 -29.13 -7.98
C LYS A 84 27.25 -29.72 -6.83
N ASP A 85 28.56 -29.77 -7.00
CA ASP A 85 29.45 -30.41 -6.03
C ASP A 85 29.55 -29.64 -4.72
N ILE A 86 29.73 -28.32 -4.81
CA ILE A 86 29.87 -27.49 -3.63
C ILE A 86 28.64 -27.59 -2.72
N LEU A 87 27.47 -27.66 -3.33
CA LEU A 87 26.21 -27.70 -2.59
C LEU A 87 25.99 -29.06 -1.94
N SER A 88 26.15 -30.13 -2.72
CA SER A 88 25.95 -31.48 -2.22
C SER A 88 26.94 -31.82 -1.11
N GLU A 89 28.12 -31.21 -1.18
CA GLU A 89 29.21 -31.50 -0.24
C GLU A 89 28.86 -31.13 1.20
N THR A 90 27.94 -30.19 1.37
CA THR A 90 27.49 -29.80 2.70
C THR A 90 25.96 -29.75 2.74
N LYS A 91 25.39 -29.65 3.93
CA LYS A 91 23.94 -29.46 4.05
C LYS A 91 23.60 -27.99 3.81
N ILE A 92 24.04 -27.46 2.66
CA ILE A 92 23.68 -26.11 2.28
C ILE A 92 22.24 -26.09 1.78
N LEU A 93 21.42 -25.26 2.41
CA LEU A 93 20.04 -25.09 2.00
C LEU A 93 19.99 -24.30 0.70
N VAL A 94 19.29 -24.85 -0.29
CA VAL A 94 19.14 -24.18 -1.57
C VAL A 94 17.72 -23.68 -1.76
N ILE A 95 17.59 -22.38 -1.97
CA ILE A 95 16.29 -21.76 -2.20
C ILE A 95 16.24 -21.24 -3.62
N SER A 96 15.38 -21.84 -4.44
CA SER A 96 15.19 -21.41 -5.81
C SER A 96 14.04 -20.41 -5.89
N LEU A 97 14.28 -19.29 -6.57
CA LEU A 97 13.25 -18.28 -6.73
C LEU A 97 12.61 -18.41 -8.10
N ALA A 98 13.22 -19.22 -8.95
CA ALA A 98 12.84 -19.27 -10.36
C ALA A 98 11.41 -19.73 -10.57
N VAL A 99 10.68 -18.99 -11.39
CA VAL A 99 9.36 -19.43 -11.83
C VAL A 99 9.55 -20.54 -12.87
N GLY A 100 8.69 -21.55 -12.82
CA GLY A 100 8.70 -22.59 -13.83
C GLY A 100 9.87 -23.55 -13.78
N VAL A 101 10.56 -23.59 -12.64
CA VAL A 101 11.57 -24.61 -12.40
C VAL A 101 11.16 -25.46 -11.20
N THR A 102 10.54 -26.60 -11.49
CA THR A 102 10.04 -27.49 -10.45
C THR A 102 11.19 -28.17 -9.71
N THR A 103 10.96 -28.51 -8.45
CA THR A 103 11.99 -29.16 -7.65
C THR A 103 12.56 -30.42 -8.30
N PRO A 104 11.70 -31.22 -8.97
CA PRO A 104 12.23 -32.42 -9.62
C PRO A 104 13.40 -32.11 -10.54
N LEU A 105 13.28 -31.04 -11.31
CA LEU A 105 14.37 -30.61 -12.19
C LEU A 105 15.60 -30.22 -11.39
N ILE A 106 15.39 -29.46 -10.33
CA ILE A 106 16.47 -29.02 -9.47
C ILE A 106 17.14 -30.23 -8.79
N GLU A 107 16.31 -31.19 -8.37
CA GLU A 107 16.82 -32.41 -7.77
C GLU A 107 17.75 -33.12 -8.75
N LYS A 108 17.41 -33.06 -10.04
CA LYS A 108 18.27 -33.60 -11.08
C LYS A 108 19.56 -32.79 -11.17
N TRP A 109 19.43 -31.49 -11.45
CA TRP A 109 20.59 -30.62 -11.57
C TRP A 109 21.63 -30.97 -10.52
N LEU A 110 21.17 -31.13 -9.28
CA LEU A 110 22.07 -31.26 -8.13
C LEU A 110 22.29 -32.70 -7.68
N GLY A 111 21.49 -33.62 -8.19
CA GLY A 111 21.61 -35.03 -7.82
C GLY A 111 21.20 -35.29 -6.38
N LYS A 112 20.53 -34.32 -5.77
CA LYS A 112 20.06 -34.46 -4.40
C LYS A 112 18.72 -33.74 -4.21
N ALA A 113 17.93 -34.22 -3.26
CA ALA A 113 16.56 -33.72 -3.09
C ALA A 113 16.10 -33.69 -1.65
N SER A 114 16.82 -32.95 -0.80
CA SER A 114 16.42 -32.84 0.60
C SER A 114 16.79 -31.47 1.16
N ARG A 115 17.45 -30.67 0.35
CA ARG A 115 17.82 -29.31 0.72
C ARG A 115 17.34 -28.32 -0.35
N ILE A 116 16.20 -28.63 -0.94
CA ILE A 116 15.60 -27.78 -1.95
C ILE A 116 14.30 -27.17 -1.45
N VAL A 117 14.28 -25.85 -1.32
CA VAL A 117 13.04 -25.13 -1.07
C VAL A 117 12.79 -24.21 -2.24
N ARG A 118 11.54 -24.17 -2.71
CA ARG A 118 11.15 -23.19 -3.72
C ARG A 118 10.49 -22.01 -3.02
N ALA A 119 10.90 -20.81 -3.42
CA ALA A 119 10.33 -19.59 -2.84
C ALA A 119 9.82 -18.68 -3.94
N MSE A 120 8.62 -18.15 -3.75
CA MSE A 120 8.02 -17.25 -4.72
C MSE A 120 7.78 -15.89 -4.07
O MSE A 120 6.66 -15.58 -3.65
CB MSE A 120 6.71 -17.83 -5.25
CG MSE A 120 6.13 -17.06 -6.43
SE MSE A 120 7.49 -16.66 -7.76
CE MSE A 120 8.28 -18.44 -7.94
N PRO A 121 8.83 -15.07 -4.01
CA PRO A 121 8.80 -13.76 -3.36
C PRO A 121 8.33 -12.67 -4.32
N ASN A 122 8.35 -11.43 -3.85
CA ASN A 122 8.06 -10.29 -4.71
C ASN A 122 8.88 -9.08 -4.31
N THR A 123 8.91 -8.07 -5.17
CA THR A 123 9.79 -6.91 -4.99
C THR A 123 9.58 -6.10 -3.70
N PRO A 124 8.34 -6.01 -3.20
CA PRO A 124 8.14 -5.27 -1.94
C PRO A 124 8.91 -5.85 -0.76
N SER A 125 9.61 -6.96 -0.99
CA SER A 125 10.55 -7.51 0.00
C SER A 125 11.55 -6.42 0.41
N SER A 126 11.89 -5.57 -0.55
CA SER A 126 12.78 -4.44 -0.33
C SER A 126 12.35 -3.58 0.85
N VAL A 127 11.04 -3.41 1.01
CA VAL A 127 10.50 -2.63 2.12
C VAL A 127 9.94 -3.53 3.20
N ARG A 128 10.28 -4.81 3.14
CA ARG A 128 9.84 -5.79 4.13
C ARG A 128 8.32 -5.94 4.20
N ALA A 129 7.66 -5.74 3.06
CA ALA A 129 6.22 -5.89 2.96
C ALA A 129 5.93 -6.87 1.85
N GLY A 130 6.81 -7.86 1.74
CA GLY A 130 6.70 -8.83 0.66
C GLY A 130 5.73 -9.94 0.98
N ALA A 131 5.51 -10.79 -0.02
CA ALA A 131 4.73 -12.01 0.15
C ALA A 131 5.49 -13.11 -0.56
N THR A 132 5.72 -14.22 0.14
CA THR A 132 6.50 -15.31 -0.41
C THR A 132 5.80 -16.65 -0.24
N GLY A 133 5.55 -17.33 -1.36
CA GLY A 133 5.10 -18.70 -1.33
C GLY A 133 6.29 -19.61 -1.14
N LEU A 134 6.17 -20.58 -0.25
CA LEU A 134 7.25 -21.53 0.00
C LEU A 134 6.79 -22.95 -0.27
N PHE A 135 7.61 -23.71 -0.99
CA PHE A 135 7.34 -25.13 -1.16
C PHE A 135 8.57 -25.98 -0.91
N ALA A 136 8.35 -27.16 -0.35
CA ALA A 136 9.41 -28.12 -0.13
C ALA A 136 8.81 -29.52 -0.03
N ASN A 137 9.37 -30.46 -0.78
CA ASN A 137 8.92 -31.84 -0.71
C ASN A 137 9.15 -32.40 0.69
N GLU A 138 8.54 -33.54 0.98
CA GLU A 138 8.63 -34.13 2.31
C GLU A 138 10.05 -34.56 2.66
N THR A 139 10.87 -34.78 1.64
CA THR A 139 12.26 -35.16 1.83
C THR A 139 13.04 -34.07 2.56
N VAL A 140 12.52 -32.86 2.53
CA VAL A 140 13.16 -31.72 3.17
C VAL A 140 12.75 -31.63 4.64
N ASP A 141 13.73 -31.77 5.53
CA ASP A 141 13.43 -31.81 6.96
C ASP A 141 12.92 -30.47 7.47
N LYS A 142 12.37 -30.48 8.69
CA LYS A 142 11.71 -29.31 9.25
C LYS A 142 12.66 -28.14 9.54
N ASP A 143 13.91 -28.45 9.87
CA ASP A 143 14.86 -27.39 10.23
C ASP A 143 15.40 -26.66 9.00
N GLN A 144 15.43 -27.34 7.86
CA GLN A 144 15.78 -26.70 6.61
C GLN A 144 14.62 -25.82 6.16
N LYS A 145 13.41 -26.31 6.33
CA LYS A 145 12.23 -25.53 6.02
C LYS A 145 12.09 -24.32 6.94
N ASN A 146 12.42 -24.50 8.23
CA ASN A 146 12.38 -23.39 9.17
C ASN A 146 13.44 -22.35 8.83
N LEU A 147 14.57 -22.81 8.33
CA LEU A 147 15.64 -21.92 7.91
C LEU A 147 15.19 -21.02 6.77
N ALA A 148 14.71 -21.64 5.70
CA ALA A 148 14.22 -20.89 4.55
C ALA A 148 13.14 -19.91 4.97
N GLU A 149 12.21 -20.38 5.79
CA GLU A 149 11.14 -19.54 6.30
C GLU A 149 11.66 -18.35 7.12
N SER A 150 12.63 -18.61 7.99
CA SER A 150 13.23 -17.56 8.82
C SER A 150 13.78 -16.46 7.94
N ILE A 151 14.33 -16.85 6.80
CA ILE A 151 14.96 -15.92 5.89
C ILE A 151 13.93 -15.12 5.11
N MSE A 152 12.96 -15.81 4.52
CA MSE A 152 11.95 -15.14 3.71
C MSE A 152 10.96 -14.37 4.57
O MSE A 152 10.40 -13.37 4.14
CB MSE A 152 11.20 -16.14 2.81
CG MSE A 152 12.10 -16.85 1.83
SE MSE A 152 13.30 -15.65 0.84
CE MSE A 152 11.98 -14.46 0.01
N ARG A 153 10.77 -14.83 5.81
CA ARG A 153 9.86 -14.17 6.74
C ARG A 153 10.40 -12.79 7.15
N ALA A 154 11.70 -12.59 6.97
CA ALA A 154 12.31 -11.33 7.37
C ALA A 154 11.93 -10.18 6.43
N VAL A 155 11.49 -10.51 5.23
CA VAL A 155 11.15 -9.48 4.24
C VAL A 155 9.66 -9.42 3.94
N GLY A 156 8.87 -10.21 4.66
CA GLY A 156 7.43 -10.17 4.52
C GLY A 156 6.74 -11.47 4.90
N LEU A 157 5.47 -11.56 4.52
CA LEU A 157 4.66 -12.73 4.84
C LEU A 157 5.19 -13.96 4.14
N VAL A 158 4.94 -15.11 4.77
CA VAL A 158 5.28 -16.38 4.18
C VAL A 158 4.04 -17.27 4.13
N ILE A 159 3.87 -18.01 3.04
CA ILE A 159 2.79 -18.98 2.95
C ILE A 159 3.31 -20.27 2.35
N TRP A 160 3.35 -21.32 3.17
CA TRP A 160 3.73 -22.65 2.70
C TRP A 160 2.59 -23.26 1.90
N VAL A 161 2.91 -23.88 0.77
CA VAL A 161 1.90 -24.52 -0.06
C VAL A 161 2.17 -26.02 -0.18
N SER A 162 1.08 -26.78 -0.34
CA SER A 162 1.17 -28.24 -0.34
C SER A 162 1.60 -28.83 -1.68
N SER A 163 1.41 -28.08 -2.76
CA SER A 163 1.79 -28.55 -4.09
C SER A 163 2.54 -27.47 -4.85
N GLU A 164 3.38 -27.87 -5.79
CA GLU A 164 4.22 -26.92 -6.52
C GLU A 164 3.44 -26.05 -7.49
N ASP A 165 2.33 -26.56 -8.00
CA ASP A 165 1.52 -25.78 -8.92
C ASP A 165 0.88 -24.61 -8.16
N GLN A 166 0.77 -24.75 -6.85
CA GLN A 166 0.30 -23.67 -6.00
C GLN A 166 1.31 -22.52 -6.04
N ILE A 167 2.59 -22.88 -6.01
CA ILE A 167 3.66 -21.89 -6.12
C ILE A 167 3.57 -21.10 -7.43
N GLU A 168 3.35 -21.81 -8.53
CA GLU A 168 3.21 -21.16 -9.83
C GLU A 168 1.97 -20.27 -9.87
N LYS A 169 0.93 -20.68 -9.15
CA LYS A 169 -0.27 -19.86 -9.03
C LYS A 169 0.02 -18.62 -8.20
N ILE A 170 0.77 -18.81 -7.11
CA ILE A 170 1.19 -17.71 -6.25
C ILE A 170 2.10 -16.76 -7.02
N ALA A 171 2.83 -17.29 -7.98
CA ALA A 171 3.69 -16.49 -8.84
C ALA A 171 2.86 -15.50 -9.66
N ALA A 172 1.72 -15.96 -10.16
CA ALA A 172 0.85 -15.12 -10.99
C ALA A 172 0.06 -14.14 -10.15
N LEU A 173 -0.14 -14.47 -8.87
CA LEU A 173 -0.86 -13.58 -7.97
C LEU A 173 0.08 -12.54 -7.35
N SER A 174 0.88 -12.97 -6.38
CA SER A 174 1.72 -12.04 -5.63
C SER A 174 3.11 -11.87 -6.22
N GLY A 175 3.55 -12.84 -7.01
CA GLY A 175 4.82 -12.71 -7.70
C GLY A 175 4.78 -11.56 -8.69
N SER A 176 3.80 -11.61 -9.59
CA SER A 176 3.61 -10.58 -10.60
C SER A 176 2.69 -9.48 -10.08
N GLY A 177 2.04 -9.77 -8.95
CA GLY A 177 1.08 -8.86 -8.37
C GLY A 177 1.50 -7.40 -8.29
N PRO A 178 2.68 -7.14 -7.73
CA PRO A 178 3.09 -5.73 -7.56
C PRO A 178 3.07 -4.97 -8.89
N ALA A 179 3.40 -5.63 -9.98
CA ALA A 179 3.36 -4.98 -11.29
C ALA A 179 1.93 -4.56 -11.65
N TYR A 180 0.96 -5.41 -11.32
CA TYR A 180 -0.44 -5.08 -11.58
C TYR A 180 -0.81 -3.82 -10.82
N ILE A 181 -0.45 -3.79 -9.55
CA ILE A 181 -0.73 -2.64 -8.70
C ILE A 181 -0.03 -1.39 -9.23
N PHE A 182 1.22 -1.55 -9.63
CA PHE A 182 1.98 -0.42 -10.18
C PHE A 182 1.31 0.12 -11.42
N LEU A 183 0.69 -0.76 -12.19
CA LEU A 183 -0.01 -0.37 -13.42
C LEU A 183 -1.30 0.37 -13.09
N ILE A 184 -2.07 -0.16 -12.14
CA ILE A 184 -3.28 0.50 -11.69
C ILE A 184 -2.95 1.88 -11.12
N MSE A 185 -1.90 1.95 -10.31
CA MSE A 185 -1.50 3.22 -9.71
C MSE A 185 -1.13 4.22 -10.77
O MSE A 185 -1.48 5.40 -10.69
CB MSE A 185 -0.33 3.01 -8.74
CG MSE A 185 -0.69 2.12 -7.56
SE MSE A 185 0.65 2.17 -6.15
CE MSE A 185 2.25 1.91 -7.23
N GLU A 186 -0.41 3.76 -11.80
CA GLU A 186 -0.03 4.60 -12.91
C GLU A 186 -1.29 5.12 -13.60
N ALA A 187 -2.20 4.22 -13.91
CA ALA A 187 -3.45 4.56 -14.59
C ALA A 187 -4.28 5.51 -13.73
N LEU A 188 -4.30 5.27 -12.43
CA LEU A 188 -5.09 6.06 -11.51
C LEU A 188 -4.54 7.47 -11.37
N GLN A 189 -3.23 7.60 -11.22
CA GLN A 189 -2.65 8.91 -10.96
C GLN A 189 -2.58 9.76 -12.24
N GLU A 190 -2.42 9.10 -13.38
CA GLU A 190 -2.47 9.81 -14.65
C GLU A 190 -3.90 10.21 -14.98
N ALA A 191 -4.87 9.45 -14.50
CA ALA A 191 -6.27 9.87 -14.58
C ALA A 191 -6.48 11.11 -13.72
N ALA A 192 -5.89 11.11 -12.52
CA ALA A 192 -6.00 12.23 -11.61
C ALA A 192 -5.32 13.47 -12.18
N GLU A 193 -4.22 13.28 -12.90
CA GLU A 193 -3.55 14.39 -13.56
C GLU A 193 -4.37 14.89 -14.73
N GLN A 194 -5.08 13.96 -15.38
CA GLN A 194 -5.95 14.34 -16.47
C GLN A 194 -7.03 15.30 -15.98
N LEU A 195 -7.53 15.06 -14.77
CA LEU A 195 -8.54 15.93 -14.17
C LEU A 195 -7.96 17.27 -13.73
N GLY A 196 -6.64 17.39 -13.71
CA GLY A 196 -6.02 18.66 -13.41
C GLY A 196 -5.14 18.74 -12.18
N LEU A 197 -5.05 17.66 -11.41
CA LEU A 197 -4.14 17.63 -10.26
C LEU A 197 -2.67 17.56 -10.70
N THR A 198 -1.78 18.09 -9.86
CA THR A 198 -0.35 18.04 -10.17
C THR A 198 0.17 16.62 -10.06
N LYS A 199 1.34 16.39 -10.66
CA LYS A 199 1.95 15.07 -10.67
C LYS A 199 2.23 14.62 -9.26
N GLU A 200 2.78 15.52 -8.45
CA GLU A 200 3.20 15.18 -7.09
C GLU A 200 2.01 14.81 -6.22
N THR A 201 0.96 15.61 -6.30
CA THR A 201 -0.24 15.36 -5.51
C THR A 201 -0.94 14.08 -5.96
N ALA A 202 -1.06 13.91 -7.28
CA ALA A 202 -1.69 12.73 -7.84
C ALA A 202 -0.94 11.47 -7.44
N GLU A 203 0.38 11.53 -7.52
CA GLU A 203 1.24 10.40 -7.15
C GLU A 203 1.11 10.07 -5.67
N LEU A 204 1.20 11.09 -4.83
CA LEU A 204 1.15 10.91 -3.38
C LEU A 204 -0.19 10.35 -2.92
N LEU A 205 -1.27 10.94 -3.39
CA LEU A 205 -2.60 10.51 -3.00
C LEU A 205 -2.88 9.09 -3.50
N THR A 206 -2.49 8.82 -4.74
CA THR A 206 -2.66 7.49 -5.30
C THR A 206 -1.93 6.47 -4.46
N GLU A 207 -0.65 6.70 -4.23
CA GLU A 207 0.17 5.83 -3.38
C GLU A 207 -0.50 5.59 -2.03
N GLN A 208 -0.83 6.68 -1.34
CA GLN A 208 -1.39 6.60 0.00
C GLN A 208 -2.78 5.98 0.01
N THR A 209 -3.54 6.22 -1.05
CA THR A 209 -4.88 5.67 -1.16
C THR A 209 -4.82 4.15 -1.27
N VAL A 210 -3.88 3.66 -2.07
CA VAL A 210 -3.70 2.23 -2.24
C VAL A 210 -3.25 1.59 -0.93
N LEU A 211 -2.28 2.22 -0.27
CA LEU A 211 -1.79 1.75 1.02
C LEU A 211 -2.93 1.66 2.04
N GLY A 212 -3.71 2.73 2.13
CA GLY A 212 -4.79 2.80 3.09
C GLY A 212 -5.84 1.74 2.85
N ALA A 213 -6.10 1.45 1.58
CA ALA A 213 -7.07 0.44 1.22
C ALA A 213 -6.62 -0.95 1.66
N ALA A 214 -5.35 -1.26 1.44
CA ALA A 214 -4.77 -2.54 1.84
C ALA A 214 -4.75 -2.67 3.35
N ARG A 215 -4.40 -1.59 4.03
CA ARG A 215 -4.38 -1.55 5.49
C ARG A 215 -5.74 -1.86 6.08
N MSE A 216 -6.77 -1.18 5.58
CA MSE A 216 -8.12 -1.44 6.05
C MSE A 216 -8.47 -2.89 5.83
O MSE A 216 -9.12 -3.53 6.67
CB MSE A 216 -9.13 -0.55 5.32
CG MSE A 216 -9.19 0.87 5.81
SE MSE A 216 -10.68 1.80 4.99
CE MSE A 216 -9.98 1.92 3.19
N ALA A 217 -8.07 -3.42 4.68
CA ALA A 217 -8.32 -4.81 4.34
C ALA A 217 -7.64 -5.72 5.34
N LEU A 218 -6.37 -5.46 5.62
CA LEU A 218 -5.55 -6.32 6.47
C LEU A 218 -5.95 -6.27 7.95
N GLU A 219 -6.52 -5.15 8.37
CA GLU A 219 -6.86 -5.00 9.78
C GLU A 219 -8.29 -5.39 10.13
N THR A 220 -9.03 -5.93 9.16
CA THR A 220 -10.37 -6.41 9.44
C THR A 220 -10.61 -7.80 8.87
N GLU A 221 -11.55 -8.52 9.47
CA GLU A 221 -11.93 -9.83 8.97
C GLU A 221 -13.04 -9.68 7.93
N GLN A 222 -13.52 -8.45 7.78
CA GLN A 222 -14.46 -8.12 6.71
C GLN A 222 -13.83 -8.31 5.35
N SER A 223 -14.61 -8.83 4.40
CA SER A 223 -14.10 -9.01 3.04
C SER A 223 -13.91 -7.66 2.35
N VAL A 224 -13.21 -7.69 1.23
CA VAL A 224 -13.00 -6.49 0.45
C VAL A 224 -14.32 -5.93 -0.07
N VAL A 225 -15.24 -6.84 -0.39
CA VAL A 225 -16.56 -6.46 -0.88
C VAL A 225 -17.33 -5.69 0.18
N GLN A 226 -17.29 -6.18 1.42
CA GLN A 226 -18.00 -5.54 2.53
C GLN A 226 -17.43 -4.16 2.82
N LEU A 227 -16.12 -4.03 2.73
CA LEU A 227 -15.47 -2.74 2.91
C LEU A 227 -15.87 -1.76 1.80
N ARG A 228 -16.01 -2.28 0.58
CA ARG A 228 -16.44 -1.45 -0.54
C ARG A 228 -17.83 -0.89 -0.31
N GLN A 229 -18.75 -1.75 0.11
CA GLN A 229 -20.10 -1.34 0.47
C GLN A 229 -20.09 -0.29 1.57
N PHE A 230 -19.39 -0.59 2.65
CA PHE A 230 -19.28 0.32 3.78
C PHE A 230 -18.79 1.71 3.35
N VAL A 231 -18.01 1.75 2.29
CA VAL A 231 -17.38 2.98 1.84
C VAL A 231 -18.20 3.70 0.77
N THR A 232 -19.17 3.00 0.18
CA THR A 232 -19.97 3.56 -0.90
C THR A 232 -21.37 3.95 -0.43
N SER A 233 -21.65 5.25 -0.41
CA SER A 233 -23.00 5.71 -0.13
C SER A 233 -23.78 5.85 -1.44
N PRO A 234 -25.09 5.62 -1.39
CA PRO A 234 -25.93 5.67 -2.59
C PRO A 234 -26.02 7.08 -3.16
N GLY A 235 -26.01 7.18 -4.49
CA GLY A 235 -26.10 8.46 -5.16
C GLY A 235 -24.86 9.33 -5.02
N GLY A 236 -23.88 8.84 -4.26
CA GLY A 236 -22.70 9.63 -3.95
C GLY A 236 -21.60 9.66 -5.00
N THR A 237 -20.57 10.46 -4.71
CA THR A 237 -19.39 10.58 -5.56
C THR A 237 -18.78 9.22 -5.90
N THR A 238 -18.49 8.44 -4.86
CA THR A 238 -17.85 7.14 -5.02
C THR A 238 -18.64 6.17 -5.89
N GLU A 239 -19.94 6.12 -5.66
CA GLU A 239 -20.80 5.21 -6.42
C GLU A 239 -20.75 5.50 -7.92
N GLN A 240 -20.78 6.76 -8.29
CA GLN A 240 -20.64 7.13 -9.70
C GLN A 240 -19.39 6.50 -10.31
N ALA A 241 -18.26 6.68 -9.64
CA ALA A 241 -16.98 6.17 -10.14
C ALA A 241 -16.99 4.65 -10.21
N ILE A 242 -17.53 4.02 -9.18
CA ILE A 242 -17.63 2.56 -9.13
C ILE A 242 -18.42 2.02 -10.32
N LYS A 243 -19.56 2.63 -10.60
CA LYS A 243 -20.39 2.21 -11.72
C LYS A 243 -19.63 2.26 -13.04
N VAL A 244 -18.79 3.28 -13.21
CA VAL A 244 -17.92 3.32 -14.38
C VAL A 244 -16.95 2.14 -14.36
N LEU A 245 -16.33 1.91 -13.21
CA LEU A 245 -15.35 0.84 -13.08
C LEU A 245 -15.97 -0.54 -13.25
N GLU A 246 -17.17 -0.74 -12.71
CA GLU A 246 -17.85 -2.03 -12.80
C GLU A 246 -18.12 -2.42 -14.25
N SER A 247 -18.17 -1.43 -15.13
CA SER A 247 -18.44 -1.68 -16.54
C SER A 247 -17.14 -2.00 -17.27
N GLY A 248 -16.03 -1.90 -16.54
CA GLY A 248 -14.74 -2.22 -17.11
C GLY A 248 -14.50 -3.71 -17.12
N ASN A 249 -15.46 -4.47 -16.60
CA ASN A 249 -15.35 -5.92 -16.54
C ASN A 249 -13.98 -6.33 -16.02
N LEU A 250 -13.66 -5.88 -14.82
CA LEU A 250 -12.32 -6.07 -14.25
C LEU A 250 -12.06 -7.49 -13.76
N ARG A 251 -13.09 -8.15 -13.24
CA ARG A 251 -12.95 -9.53 -12.80
C ARG A 251 -12.46 -10.39 -13.95
N GLU A 252 -13.01 -10.15 -15.13
CA GLU A 252 -12.65 -10.92 -16.32
C GLU A 252 -11.30 -10.49 -16.87
N LEU A 253 -11.00 -9.20 -16.74
CA LEU A 253 -9.72 -8.69 -17.20
C LEU A 253 -8.59 -9.35 -16.43
N PHE A 254 -8.75 -9.44 -15.11
CA PHE A 254 -7.73 -10.02 -14.24
C PHE A 254 -7.60 -11.54 -14.39
N ILE A 255 -8.75 -12.22 -14.53
CA ILE A 255 -8.74 -13.65 -14.79
C ILE A 255 -7.96 -13.93 -16.07
N LYS A 256 -8.27 -13.18 -17.11
CA LYS A 256 -7.58 -13.29 -18.39
C LYS A 256 -6.09 -12.98 -18.24
N ALA A 257 -5.76 -12.11 -17.30
CA ALA A 257 -4.39 -11.65 -17.13
C ALA A 257 -3.55 -12.60 -16.30
N LEU A 258 -4.12 -13.16 -15.24
CA LEU A 258 -3.40 -14.11 -14.42
C LEU A 258 -3.14 -15.39 -15.20
N THR A 259 -4.15 -15.84 -15.93
CA THR A 259 -4.03 -17.05 -16.73
C THR A 259 -2.93 -16.90 -17.79
N ALA A 260 -2.85 -15.73 -18.40
CA ALA A 260 -1.83 -15.47 -19.42
C ALA A 260 -0.44 -15.46 -18.81
N ALA A 261 -0.37 -15.23 -17.51
CA ALA A 261 0.90 -15.27 -16.79
C ALA A 261 1.26 -16.72 -16.49
N VAL A 262 0.24 -17.52 -16.20
CA VAL A 262 0.43 -18.94 -15.89
C VAL A 262 0.79 -19.74 -17.14
N ASN A 263 0.08 -19.48 -18.24
CA ASN A 263 0.36 -20.16 -19.49
C ASN A 263 1.76 -19.84 -20.01
N ARG A 264 2.18 -18.60 -19.81
CA ARG A 264 3.54 -18.18 -20.18
C ARG A 264 4.56 -18.87 -19.28
N ALA A 265 4.20 -19.06 -18.02
CA ALA A 265 5.04 -19.78 -17.08
C ALA A 265 5.19 -21.22 -17.55
N LYS A 266 4.09 -21.81 -18.00
CA LYS A 266 4.07 -23.18 -18.47
C LYS A 266 4.88 -23.34 -19.76
N GLU A 267 5.01 -22.25 -20.52
CA GLU A 267 5.83 -22.26 -21.72
C GLU A 267 7.31 -22.29 -21.38
N LEU A 268 7.69 -21.46 -20.41
CA LEU A 268 9.09 -21.35 -20.00
C LEU A 268 9.61 -22.64 -19.38
N SER A 269 8.72 -23.38 -18.72
CA SER A 269 9.10 -24.60 -18.03
C SER A 269 9.54 -25.72 -18.98
N LYS A 270 9.01 -25.72 -20.19
CA LYS A 270 9.42 -26.70 -21.19
C LYS A 270 10.81 -26.34 -21.72
N THR A 271 11.27 -25.14 -21.35
CA THR A 271 12.46 -24.55 -21.91
C THR A 271 13.68 -24.65 -21.00
N VAL A 272 13.43 -24.87 -19.71
CA VAL A 272 14.49 -24.86 -18.71
C VAL A 272 15.27 -26.17 -18.61
N ASP A 273 15.23 -26.97 -19.67
CA ASP A 273 15.98 -28.23 -19.69
C ASP A 273 16.61 -28.48 -21.06
N ASN B 2 5.12 25.86 20.18
CA ASN B 2 3.80 25.26 20.26
C ASN B 2 3.06 25.62 21.54
N THR B 3 1.75 25.43 21.53
CA THR B 3 0.87 25.71 22.67
C THR B 3 -0.58 25.76 22.20
N SER B 4 -1.02 24.72 21.48
CA SER B 4 -2.32 24.74 20.82
C SER B 4 -3.40 23.90 21.51
N ASN B 5 -4.48 24.55 21.90
CA ASN B 5 -5.66 23.86 22.37
C ASN B 5 -6.53 23.51 21.19
N ILE B 6 -6.79 22.22 21.01
CA ILE B 6 -7.56 21.76 19.86
C ILE B 6 -8.89 21.18 20.32
N THR B 7 -9.96 21.78 19.82
CA THR B 7 -11.31 21.35 20.17
C THR B 7 -12.01 20.71 18.99
N PHE B 8 -12.50 19.49 19.19
CA PHE B 8 -13.26 18.79 18.17
C PHE B 8 -14.74 18.88 18.45
N ILE B 9 -15.47 19.54 17.56
CA ILE B 9 -16.91 19.58 17.66
C ILE B 9 -17.47 18.35 16.96
N GLY B 10 -18.08 17.46 17.76
CA GLY B 10 -18.46 16.15 17.28
C GLY B 10 -17.45 15.12 17.74
N GLY B 11 -17.92 14.03 18.32
CA GLY B 11 -17.06 12.96 18.77
C GLY B 11 -17.25 11.70 17.95
N GLY B 12 -17.40 11.86 16.65
CA GLY B 12 -17.64 10.74 15.75
C GLY B 12 -16.40 10.00 15.31
N ASN B 13 -16.53 9.23 14.24
CA ASN B 13 -15.44 8.38 13.77
C ASN B 13 -14.20 9.15 13.37
N MSE B 14 -14.38 10.21 12.58
CA MSE B 14 -13.27 10.98 12.07
C MSE B 14 -12.55 11.75 13.20
O MSE B 14 -11.33 11.85 13.20
CB MSE B 14 -13.74 11.95 10.99
CG MSE B 14 -12.62 12.66 10.27
SE MSE B 14 -11.27 11.46 9.51
CE MSE B 14 -12.46 10.19 8.60
N ALA B 15 -13.33 12.28 14.14
CA ALA B 15 -12.76 12.99 15.27
C ALA B 15 -11.94 12.01 16.10
N ARG B 16 -12.50 10.83 16.32
CA ARG B 16 -11.82 9.78 17.03
C ARG B 16 -10.52 9.38 16.33
N ASN B 17 -10.59 9.27 15.00
CA ASN B 17 -9.39 8.99 14.21
C ASN B 17 -8.30 10.00 14.53
N ILE B 18 -8.63 11.28 14.38
CA ILE B 18 -7.64 12.34 14.54
C ILE B 18 -7.16 12.49 15.97
N VAL B 19 -8.08 12.36 16.93
CA VAL B 19 -7.74 12.48 18.34
C VAL B 19 -6.81 11.34 18.79
N VAL B 20 -7.15 10.12 18.41
CA VAL B 20 -6.31 8.97 18.75
C VAL B 20 -4.95 9.09 18.06
N GLY B 21 -4.96 9.52 16.81
CA GLY B 21 -3.72 9.80 16.10
C GLY B 21 -2.83 10.79 16.82
N LEU B 22 -3.43 11.86 17.33
CA LEU B 22 -2.69 12.87 18.08
C LEU B 22 -2.15 12.32 19.39
N ILE B 23 -3.03 11.71 20.17
CA ILE B 23 -2.68 11.10 21.44
C ILE B 23 -1.53 10.11 21.27
N ALA B 24 -1.62 9.26 20.25
CA ALA B 24 -0.60 8.25 19.99
C ALA B 24 0.76 8.87 19.64
N ASN B 25 0.73 10.07 19.07
CA ASN B 25 1.97 10.77 18.74
C ASN B 25 2.44 11.67 19.87
N GLY B 26 1.83 11.52 21.04
CA GLY B 26 2.27 12.21 22.22
C GLY B 26 1.73 13.62 22.38
N TYR B 27 0.70 13.95 21.61
CA TYR B 27 0.08 15.25 21.77
C TYR B 27 -0.51 15.33 23.18
N ASP B 28 -0.24 16.44 23.86
CA ASP B 28 -0.79 16.66 25.19
C ASP B 28 -2.32 16.52 25.16
N PRO B 29 -2.85 15.55 25.92
CA PRO B 29 -4.29 15.28 26.03
C PRO B 29 -5.02 16.41 26.76
N ASN B 30 -4.31 17.18 27.57
CA ASN B 30 -4.92 18.32 28.23
C ASN B 30 -5.15 19.47 27.26
N ARG B 31 -4.51 19.39 26.10
CA ARG B 31 -4.66 20.41 25.07
C ARG B 31 -5.71 20.01 24.05
N ILE B 32 -6.49 18.98 24.37
CA ILE B 32 -7.53 18.50 23.47
C ILE B 32 -8.89 18.45 24.15
N CYS B 33 -9.89 18.92 23.44
CA CYS B 33 -11.26 18.84 23.93
C CYS B 33 -12.16 18.25 22.85
N VAL B 34 -13.00 17.30 23.26
CA VAL B 34 -13.95 16.68 22.35
C VAL B 34 -15.36 16.96 22.85
N THR B 35 -16.17 17.60 22.00
CA THR B 35 -17.56 17.84 22.34
C THR B 35 -18.45 16.93 21.51
N ASN B 36 -19.44 16.33 22.15
CA ASN B 36 -20.39 15.49 21.44
C ASN B 36 -21.80 15.67 21.97
N ARG B 37 -22.78 15.53 21.09
CA ARG B 37 -24.18 15.65 21.48
C ARG B 37 -24.58 14.55 22.46
N SER B 38 -24.17 13.32 22.18
CA SER B 38 -24.47 12.20 23.07
C SER B 38 -23.29 11.84 23.97
N LEU B 39 -23.60 11.29 25.13
CA LEU B 39 -22.61 11.04 26.17
C LEU B 39 -21.76 9.79 25.94
N ASP B 40 -22.40 8.73 25.46
CA ASP B 40 -21.71 7.46 25.21
C ASP B 40 -20.34 7.64 24.56
N LYS B 41 -20.32 8.26 23.38
CA LYS B 41 -19.08 8.46 22.63
C LYS B 41 -18.01 9.19 23.42
N LEU B 42 -18.43 10.09 24.31
CA LEU B 42 -17.50 10.87 25.11
C LEU B 42 -16.77 10.03 26.15
N ASP B 43 -17.32 8.85 26.47
CA ASP B 43 -16.67 7.98 27.43
C ASP B 43 -15.30 7.55 26.93
N PHE B 44 -15.24 7.17 25.66
CA PHE B 44 -13.99 6.74 25.04
C PHE B 44 -12.93 7.84 25.13
N PHE B 45 -13.28 9.03 24.66
CA PHE B 45 -12.37 10.16 24.70
C PHE B 45 -11.96 10.47 26.14
N LYS B 46 -12.89 10.26 27.06
CA LYS B 46 -12.69 10.57 28.47
C LYS B 46 -11.82 9.54 29.18
N GLU B 47 -12.15 8.26 29.01
CA GLU B 47 -11.49 7.19 29.73
C GLU B 47 -10.19 6.74 29.09
N LYS B 48 -10.25 6.42 27.79
CA LYS B 48 -9.11 5.84 27.08
C LYS B 48 -8.11 6.89 26.61
N CYS B 49 -8.62 7.95 25.98
CA CYS B 49 -7.77 9.01 25.45
C CYS B 49 -7.31 9.96 26.56
N GLY B 50 -8.20 10.22 27.51
CA GLY B 50 -7.88 11.11 28.61
C GLY B 50 -7.86 12.56 28.18
N VAL B 51 -8.65 12.87 27.16
CA VAL B 51 -8.80 14.26 26.71
C VAL B 51 -10.00 14.91 27.37
N HIS B 52 -10.11 16.22 27.24
CA HIS B 52 -11.27 16.94 27.77
C HIS B 52 -12.52 16.62 26.98
N THR B 53 -13.62 16.44 27.69
CA THR B 53 -14.90 16.14 27.05
C THR B 53 -15.98 17.07 27.56
N THR B 54 -16.98 17.31 26.72
CA THR B 54 -18.12 18.14 27.11
C THR B 54 -19.23 18.00 26.10
N GLN B 55 -20.47 18.19 26.54
CA GLN B 55 -21.61 18.13 25.64
C GLN B 55 -22.03 19.53 25.23
N ASP B 56 -21.24 20.51 25.63
CA ASP B 56 -21.51 21.91 25.29
C ASP B 56 -20.45 22.42 24.33
N ASN B 57 -20.82 22.56 23.06
CA ASN B 57 -19.88 23.02 22.04
C ASN B 57 -19.23 24.36 22.36
N ARG B 58 -19.98 25.22 23.04
CA ARG B 58 -19.47 26.56 23.36
C ARG B 58 -18.42 26.48 24.46
N GLN B 59 -18.72 25.74 25.51
CA GLN B 59 -17.76 25.50 26.57
C GLN B 59 -16.52 24.85 25.95
N GLY B 60 -16.75 23.83 25.14
CA GLY B 60 -15.67 23.10 24.50
C GLY B 60 -14.78 23.98 23.65
N ALA B 61 -15.39 24.89 22.88
CA ALA B 61 -14.64 25.75 21.97
C ALA B 61 -14.02 26.94 22.70
N LEU B 62 -14.50 27.21 23.90
CA LEU B 62 -14.00 28.35 24.66
C LEU B 62 -12.52 28.18 24.93
N ASN B 63 -11.72 29.12 24.41
CA ASN B 63 -10.27 29.13 24.64
C ASN B 63 -9.46 28.21 23.73
N ALA B 64 -10.09 27.64 22.70
CA ALA B 64 -9.38 26.79 21.75
C ALA B 64 -8.63 27.63 20.72
N ASP B 65 -7.50 27.12 20.25
CA ASP B 65 -6.77 27.78 19.16
C ASP B 65 -7.22 27.19 17.83
N VAL B 66 -7.67 25.93 17.87
CA VAL B 66 -8.16 25.27 16.69
C VAL B 66 -9.48 24.61 17.02
N VAL B 67 -10.50 24.90 16.23
CA VAL B 67 -11.77 24.20 16.35
C VAL B 67 -11.95 23.32 15.12
N VAL B 68 -12.08 22.02 15.34
CA VAL B 68 -12.27 21.09 14.26
C VAL B 68 -13.74 20.68 14.17
N LEU B 69 -14.35 20.96 13.02
CA LEU B 69 -15.76 20.66 12.82
C LEU B 69 -15.91 19.25 12.29
N ALA B 70 -16.27 18.34 13.19
CA ALA B 70 -16.34 16.92 12.85
C ALA B 70 -17.74 16.38 13.08
N VAL B 71 -18.74 17.25 12.85
CA VAL B 71 -20.12 16.82 12.94
C VAL B 71 -20.61 16.41 11.56
N LYS B 72 -21.70 15.67 11.50
CA LYS B 72 -22.29 15.30 10.22
C LYS B 72 -22.60 16.57 9.43
N PRO B 73 -22.66 16.46 8.11
CA PRO B 73 -22.76 17.67 7.26
C PRO B 73 -24.02 18.51 7.52
N HIS B 74 -25.12 17.88 7.90
CA HIS B 74 -26.36 18.63 8.10
C HIS B 74 -26.35 19.45 9.39
N GLN B 75 -25.38 19.18 10.25
CA GLN B 75 -25.30 19.87 11.53
C GLN B 75 -24.31 21.03 11.51
N ILE B 76 -23.66 21.21 10.37
CA ILE B 76 -22.54 22.14 10.27
C ILE B 76 -22.95 23.61 10.40
N LYS B 77 -24.10 23.97 9.84
CA LYS B 77 -24.59 25.34 9.92
C LYS B 77 -25.01 25.68 11.34
N MSE B 78 -25.65 24.73 12.01
CA MSE B 78 -26.14 24.90 13.37
C MSE B 78 -25.01 25.10 14.36
O MSE B 78 -25.08 25.93 15.27
CB MSE B 78 -26.96 23.68 13.78
CG MSE B 78 -27.50 23.73 15.19
SE MSE B 78 -28.17 21.98 15.75
CE MSE B 78 -28.88 22.48 17.51
N VAL B 79 -23.95 24.31 14.20
CA VAL B 79 -22.79 24.39 15.07
C VAL B 79 -22.04 25.69 14.84
N CYS B 80 -21.92 26.10 13.57
CA CYS B 80 -21.29 27.36 13.22
C CYS B 80 -22.02 28.54 13.85
N GLU B 81 -23.34 28.59 13.64
CA GLU B 81 -24.15 29.67 14.21
C GLU B 81 -24.09 29.65 15.72
N GLU B 82 -23.85 28.47 16.29
CA GLU B 82 -23.74 28.33 17.73
C GLU B 82 -22.41 28.89 18.25
N LEU B 83 -21.43 28.98 17.35
CA LEU B 83 -20.08 29.36 17.74
C LEU B 83 -19.64 30.68 17.11
N LYS B 84 -20.49 31.27 16.28
CA LYS B 84 -20.13 32.50 15.59
C LYS B 84 -19.70 33.62 16.55
N ASP B 85 -20.36 33.71 17.70
CA ASP B 85 -20.07 34.76 18.66
C ASP B 85 -18.79 34.47 19.47
N ILE B 86 -18.57 33.19 19.77
CA ILE B 86 -17.35 32.77 20.42
C ILE B 86 -16.11 32.96 19.52
N LEU B 87 -16.27 32.72 18.23
CA LEU B 87 -15.15 32.74 17.30
C LEU B 87 -14.98 34.07 16.55
N SER B 88 -15.90 35.01 16.79
CA SER B 88 -15.83 36.30 16.10
C SER B 88 -14.58 37.11 16.46
N GLU B 89 -13.91 37.62 15.44
CA GLU B 89 -12.68 38.41 15.62
C GLU B 89 -11.77 37.81 16.68
N THR B 90 -11.22 36.63 16.38
CA THR B 90 -10.47 35.87 17.37
C THR B 90 -9.19 35.28 16.79
N LYS B 91 -9.10 35.25 15.47
CA LYS B 91 -7.95 34.67 14.78
C LYS B 91 -7.84 33.16 14.96
N ILE B 92 -8.86 32.56 15.58
CA ILE B 92 -8.89 31.12 15.77
C ILE B 92 -9.01 30.37 14.45
N LEU B 93 -8.29 29.26 14.33
CA LEU B 93 -8.36 28.43 13.13
C LEU B 93 -9.50 27.43 13.22
N VAL B 94 -10.30 27.38 12.16
CA VAL B 94 -11.34 26.38 12.04
C VAL B 94 -10.96 25.39 10.96
N ILE B 95 -10.96 24.11 11.31
CA ILE B 95 -10.76 23.07 10.32
C ILE B 95 -12.10 22.38 10.07
N SER B 96 -12.56 22.45 8.83
CA SER B 96 -13.82 21.82 8.47
C SER B 96 -13.56 20.47 7.80
N LEU B 97 -14.14 19.42 8.38
CA LEU B 97 -14.02 18.08 7.80
C LEU B 97 -15.27 17.74 7.00
N ALA B 98 -16.25 18.64 7.02
CA ALA B 98 -17.52 18.40 6.35
C ALA B 98 -17.39 18.25 4.84
N VAL B 99 -17.81 17.10 4.32
CA VAL B 99 -17.80 16.86 2.89
C VAL B 99 -18.78 17.79 2.17
N GLY B 100 -18.33 18.40 1.09
CA GLY B 100 -19.20 19.22 0.26
C GLY B 100 -19.31 20.67 0.66
N VAL B 101 -19.15 20.95 1.95
CA VAL B 101 -19.33 22.30 2.45
C VAL B 101 -18.13 23.19 2.11
N THR B 102 -18.35 24.16 1.23
CA THR B 102 -17.29 25.07 0.83
C THR B 102 -17.03 26.12 1.90
N THR B 103 -15.83 26.69 1.86
CA THR B 103 -15.43 27.68 2.87
C THR B 103 -16.26 28.97 2.81
N PRO B 104 -16.55 29.48 1.60
CA PRO B 104 -17.36 30.71 1.55
C PRO B 104 -18.69 30.53 2.28
N LEU B 105 -19.27 29.34 2.15
CA LEU B 105 -20.53 29.06 2.80
C LEU B 105 -20.33 29.03 4.32
N ILE B 106 -19.21 28.47 4.74
CA ILE B 106 -18.87 28.43 6.15
C ILE B 106 -18.63 29.84 6.69
N GLU B 107 -18.07 30.70 5.85
CA GLU B 107 -17.84 32.09 6.19
C GLU B 107 -19.16 32.83 6.39
N LYS B 108 -20.14 32.53 5.56
CA LYS B 108 -21.45 33.15 5.67
C LYS B 108 -21.98 32.96 7.10
N TRP B 109 -21.77 31.76 7.61
CA TRP B 109 -22.28 31.38 8.91
C TRP B 109 -21.44 31.93 10.06
N LEU B 110 -20.14 32.09 9.81
CA LEU B 110 -19.20 32.42 10.89
C LEU B 110 -18.74 33.88 10.92
N GLY B 111 -18.75 34.53 9.78
CA GLY B 111 -18.18 35.86 9.65
C GLY B 111 -17.30 35.89 8.43
N LYS B 112 -16.94 37.08 7.97
CA LYS B 112 -16.26 37.21 6.68
C LYS B 112 -14.76 36.94 6.76
N ALA B 113 -14.13 37.36 7.85
CA ALA B 113 -12.70 37.14 8.02
C ALA B 113 -12.40 35.85 8.78
N SER B 114 -13.34 34.91 8.72
CA SER B 114 -13.18 33.63 9.41
C SER B 114 -12.02 32.84 8.82
N ARG B 115 -11.10 32.41 9.67
CA ARG B 115 -9.93 31.65 9.24
C ARG B 115 -10.28 30.16 9.08
N ILE B 116 -10.41 29.72 7.84
CA ILE B 116 -10.94 28.38 7.57
C ILE B 116 -10.01 27.52 6.73
N VAL B 117 -9.77 26.31 7.21
CA VAL B 117 -9.13 25.29 6.40
C VAL B 117 -10.14 24.18 6.16
N ARG B 118 -10.27 23.77 4.91
CA ARG B 118 -11.18 22.68 4.58
C ARG B 118 -10.37 21.41 4.32
N ALA B 119 -10.70 20.36 5.04
CA ALA B 119 -9.98 19.10 4.92
C ALA B 119 -10.81 18.10 4.14
N MSE B 120 -10.14 17.31 3.30
CA MSE B 120 -10.78 16.22 2.60
C MSE B 120 -10.01 14.93 2.91
O MSE B 120 -9.21 14.46 2.10
CB MSE B 120 -10.79 16.50 1.08
CG MSE B 120 -11.39 15.37 0.26
SE MSE B 120 -13.17 14.88 0.91
CE MSE B 120 -12.91 12.95 0.99
N PRO B 121 -10.26 14.36 4.10
CA PRO B 121 -9.63 13.12 4.50
C PRO B 121 -10.42 11.91 4.02
N ASN B 122 -9.79 10.74 4.00
CA ASN B 122 -10.49 9.54 3.55
C ASN B 122 -10.59 8.48 4.64
N THR B 123 -11.30 7.41 4.33
CA THR B 123 -11.60 6.37 5.31
C THR B 123 -10.38 5.72 5.95
N PRO B 124 -9.35 5.41 5.16
CA PRO B 124 -8.15 4.78 5.74
C PRO B 124 -7.55 5.61 6.88
N SER B 125 -8.16 6.75 7.19
CA SER B 125 -7.80 7.52 8.37
C SER B 125 -7.95 6.68 9.64
N SER B 126 -8.90 5.74 9.59
CA SER B 126 -9.22 4.91 10.73
C SER B 126 -8.13 3.89 11.02
N VAL B 127 -7.27 3.63 10.03
CA VAL B 127 -6.13 2.73 10.22
C VAL B 127 -4.81 3.46 10.10
N ARG B 128 -4.82 4.77 10.40
CA ARG B 128 -3.59 5.56 10.44
C ARG B 128 -2.87 5.61 9.09
N ALA B 129 -3.63 5.50 8.02
CA ALA B 129 -3.08 5.57 6.67
C ALA B 129 -3.97 6.44 5.79
N GLY B 130 -4.42 7.55 6.33
CA GLY B 130 -5.32 8.43 5.61
C GLY B 130 -4.60 9.33 4.64
N ALA B 131 -5.33 9.76 3.61
CA ALA B 131 -4.83 10.74 2.67
C ALA B 131 -5.71 11.97 2.77
N THR B 132 -5.15 13.09 3.18
CA THR B 132 -5.94 14.29 3.36
C THR B 132 -5.49 15.43 2.47
N GLY B 133 -6.42 15.95 1.68
CA GLY B 133 -6.20 17.15 0.92
C GLY B 133 -6.72 18.33 1.71
N LEU B 134 -5.94 19.41 1.76
CA LEU B 134 -6.32 20.60 2.50
C LEU B 134 -6.43 21.84 1.60
N PHE B 135 -7.42 22.66 1.89
CA PHE B 135 -7.49 23.99 1.30
C PHE B 135 -7.52 25.04 2.39
N ALA B 136 -6.69 26.07 2.22
CA ALA B 136 -6.62 27.15 3.19
C ALA B 136 -7.28 28.42 2.69
N ASN B 137 -8.15 28.98 3.52
CA ASN B 137 -8.73 30.31 3.31
C ASN B 137 -7.66 31.35 3.04
N GLU B 138 -8.07 32.58 2.78
CA GLU B 138 -7.14 33.69 2.66
C GLU B 138 -6.67 34.14 4.04
N THR B 139 -7.60 34.11 4.99
CA THR B 139 -7.36 34.62 6.34
C THR B 139 -6.37 33.75 7.13
N VAL B 140 -6.26 32.49 6.73
CA VAL B 140 -5.36 31.55 7.40
C VAL B 140 -3.89 31.94 7.23
N ASP B 141 -3.21 32.24 8.34
CA ASP B 141 -1.79 32.57 8.28
C ASP B 141 -0.93 31.30 8.22
N LYS B 142 0.33 31.46 7.79
CA LYS B 142 1.20 30.32 7.53
C LYS B 142 1.32 29.36 8.72
N ASP B 143 1.45 29.93 9.92
CA ASP B 143 1.54 29.11 11.14
C ASP B 143 0.34 28.18 11.24
N GLN B 144 -0.83 28.70 10.91
CA GLN B 144 -2.06 27.93 11.00
C GLN B 144 -2.14 26.86 9.92
N LYS B 145 -1.44 27.08 8.81
CA LYS B 145 -1.38 26.08 7.75
C LYS B 145 -0.48 24.91 8.14
N ASN B 146 0.61 25.21 8.83
CA ASN B 146 1.46 24.16 9.37
C ASN B 146 0.72 23.42 10.48
N LEU B 147 -0.06 24.16 11.25
CA LEU B 147 -0.85 23.59 12.33
C LEU B 147 -1.90 22.64 11.78
N ALA B 148 -2.63 23.09 10.76
CA ALA B 148 -3.64 22.28 10.12
C ALA B 148 -3.02 21.02 9.53
N GLU B 149 -1.93 21.22 8.78
CA GLU B 149 -1.21 20.09 8.20
C GLU B 149 -0.76 19.09 9.26
N SER B 150 -0.23 19.60 10.36
CA SER B 150 0.30 18.76 11.42
C SER B 150 -0.80 17.91 12.05
N ILE B 151 -1.91 18.55 12.37
CA ILE B 151 -3.04 17.86 12.96
C ILE B 151 -3.55 16.73 12.05
N MSE B 152 -3.59 17.00 10.75
CA MSE B 152 -4.15 16.02 9.82
C MSE B 152 -3.12 14.95 9.46
O MSE B 152 -3.48 13.86 9.00
CB MSE B 152 -4.71 16.69 8.57
CG MSE B 152 -5.92 17.58 8.85
SE MSE B 152 -7.32 16.66 9.87
CE MSE B 152 -7.80 15.30 8.53
N ARG B 153 -1.85 15.26 9.70
CA ARG B 153 -0.78 14.29 9.50
C ARG B 153 -0.84 13.19 10.55
N ALA B 154 -1.63 13.41 11.59
CA ALA B 154 -1.78 12.43 12.68
C ALA B 154 -2.52 11.19 12.21
N VAL B 155 -3.10 11.25 11.02
CA VAL B 155 -3.88 10.13 10.49
C VAL B 155 -3.39 9.65 9.13
N GLY B 156 -2.34 10.29 8.61
CA GLY B 156 -1.82 9.94 7.31
C GLY B 156 -1.09 11.10 6.68
N LEU B 157 -0.94 11.07 5.36
CA LEU B 157 -0.24 12.16 4.68
C LEU B 157 -1.17 13.30 4.28
N VAL B 158 -0.58 14.47 4.04
CA VAL B 158 -1.36 15.68 3.80
C VAL B 158 -0.84 16.46 2.61
N ILE B 159 -1.74 16.81 1.70
CA ILE B 159 -1.38 17.67 0.58
C ILE B 159 -2.26 18.93 0.58
N TRP B 160 -1.81 19.95 -0.15
CA TRP B 160 -2.55 21.20 -0.24
C TRP B 160 -2.94 21.47 -1.68
N VAL B 161 -4.08 22.13 -1.86
CA VAL B 161 -4.50 22.61 -3.17
C VAL B 161 -4.62 24.13 -3.12
N SER B 162 -4.18 24.81 -4.18
CA SER B 162 -4.23 26.26 -4.23
C SER B 162 -5.65 26.80 -4.31
N SER B 163 -6.53 26.06 -4.99
CA SER B 163 -7.92 26.46 -5.14
C SER B 163 -8.88 25.42 -4.57
N GLU B 164 -9.99 25.90 -3.99
CA GLU B 164 -10.92 25.02 -3.30
C GLU B 164 -11.69 24.12 -4.27
N ASP B 165 -11.61 24.42 -5.56
CA ASP B 165 -12.30 23.60 -6.55
C ASP B 165 -11.53 22.31 -6.82
N GLN B 166 -10.32 22.23 -6.29
CA GLN B 166 -9.52 21.03 -6.47
C GLN B 166 -9.86 19.99 -5.40
N ILE B 167 -10.57 20.42 -4.37
CA ILE B 167 -11.01 19.51 -3.32
C ILE B 167 -11.90 18.40 -3.88
N GLU B 168 -12.78 18.75 -4.80
CA GLU B 168 -13.64 17.75 -5.44
C GLU B 168 -12.83 16.75 -6.25
N LYS B 169 -11.64 17.15 -6.68
CA LYS B 169 -10.75 16.25 -7.40
C LYS B 169 -10.01 15.35 -6.42
N ILE B 170 -9.73 15.87 -5.23
CA ILE B 170 -9.19 15.07 -4.15
C ILE B 170 -10.20 14.00 -3.75
N ALA B 171 -11.42 14.43 -3.52
CA ALA B 171 -12.50 13.54 -3.13
C ALA B 171 -12.62 12.39 -4.11
N ALA B 172 -12.53 12.70 -5.40
CA ALA B 172 -12.66 11.70 -6.44
C ALA B 172 -11.46 10.75 -6.48
N LEU B 173 -10.29 11.26 -6.14
CA LEU B 173 -9.08 10.44 -6.13
C LEU B 173 -8.87 9.68 -4.82
N SER B 174 -8.52 10.41 -3.75
CA SER B 174 -8.23 9.76 -2.48
C SER B 174 -9.48 9.55 -1.61
N GLY B 175 -10.46 10.41 -1.78
CA GLY B 175 -11.71 10.25 -1.06
C GLY B 175 -12.41 8.96 -1.44
N SER B 176 -12.58 8.75 -2.73
CA SER B 176 -13.31 7.58 -3.22
C SER B 176 -12.36 6.45 -3.63
N GLY B 177 -11.07 6.76 -3.68
CA GLY B 177 -10.05 5.82 -4.11
C GLY B 177 -10.05 4.45 -3.46
N PRO B 178 -10.14 4.40 -2.11
CA PRO B 178 -10.13 3.10 -1.44
C PRO B 178 -11.13 2.13 -2.07
N ALA B 179 -12.34 2.60 -2.31
CA ALA B 179 -13.36 1.80 -2.99
C ALA B 179 -12.83 1.21 -4.29
N TYR B 180 -12.14 2.03 -5.08
CA TYR B 180 -11.55 1.57 -6.33
C TYR B 180 -10.64 0.38 -6.06
N ILE B 181 -9.78 0.54 -5.06
CA ILE B 181 -8.81 -0.51 -4.71
C ILE B 181 -9.52 -1.76 -4.20
N PHE B 182 -10.57 -1.56 -3.42
CA PHE B 182 -11.39 -2.68 -2.96
C PHE B 182 -11.92 -3.45 -4.17
N LEU B 183 -12.47 -2.72 -5.15
CA LEU B 183 -12.97 -3.34 -6.37
C LEU B 183 -11.86 -4.12 -7.04
N ILE B 184 -10.72 -3.46 -7.22
CA ILE B 184 -9.55 -4.08 -7.84
C ILE B 184 -9.19 -5.35 -7.10
N MSE B 185 -8.95 -5.21 -5.80
CA MSE B 185 -8.56 -6.34 -4.98
C MSE B 185 -9.54 -7.51 -5.09
O MSE B 185 -9.12 -8.66 -5.15
CB MSE B 185 -8.40 -5.93 -3.52
CG MSE B 185 -7.23 -5.01 -3.29
SE MSE B 185 -7.01 -4.61 -1.41
CE MSE B 185 -8.69 -3.71 -1.12
N GLU B 186 -10.82 -7.19 -5.12
CA GLU B 186 -11.83 -8.23 -5.33
C GLU B 186 -11.58 -8.96 -6.64
N ALA B 187 -11.51 -8.20 -7.73
CA ALA B 187 -11.30 -8.79 -9.05
C ALA B 187 -10.04 -9.62 -9.08
N LEU B 188 -8.95 -9.08 -8.51
CA LEU B 188 -7.69 -9.79 -8.47
C LEU B 188 -7.77 -11.04 -7.59
N GLN B 189 -8.39 -10.88 -6.42
CA GLN B 189 -8.66 -11.98 -5.51
C GLN B 189 -9.35 -13.14 -6.20
N GLU B 190 -10.45 -12.83 -6.87
CA GLU B 190 -11.31 -13.84 -7.46
C GLU B 190 -10.67 -14.52 -8.66
N ALA B 191 -9.80 -13.77 -9.34
CA ALA B 191 -9.01 -14.33 -10.43
C ALA B 191 -8.07 -15.40 -9.88
N ALA B 192 -7.35 -15.06 -8.81
CA ALA B 192 -6.47 -16.01 -8.15
C ALA B 192 -7.24 -17.26 -7.73
N GLU B 193 -8.46 -17.07 -7.24
CA GLU B 193 -9.30 -18.18 -6.81
C GLU B 193 -9.79 -19.00 -8.00
N GLN B 194 -9.94 -18.35 -9.16
CA GLN B 194 -10.27 -19.05 -10.38
C GLN B 194 -9.21 -20.11 -10.68
N LEU B 195 -7.95 -19.74 -10.55
CA LEU B 195 -6.88 -20.72 -10.49
C LEU B 195 -7.05 -21.47 -9.15
N GLY B 196 -6.26 -22.50 -8.93
CA GLY B 196 -6.47 -23.36 -7.77
C GLY B 196 -6.12 -22.81 -6.40
N LEU B 197 -6.15 -21.49 -6.24
CA LEU B 197 -5.83 -20.88 -4.94
C LEU B 197 -7.04 -20.76 -4.03
N THR B 198 -6.89 -21.20 -2.80
CA THR B 198 -7.98 -21.11 -1.83
C THR B 198 -8.34 -19.65 -1.59
N LYS B 199 -9.58 -19.43 -1.15
CA LYS B 199 -10.08 -18.09 -0.90
C LYS B 199 -9.20 -17.35 0.10
N GLU B 200 -8.75 -18.08 1.12
CA GLU B 200 -7.98 -17.48 2.20
C GLU B 200 -6.60 -17.03 1.75
N THR B 201 -5.94 -17.87 0.96
CA THR B 201 -4.60 -17.55 0.46
C THR B 201 -4.66 -16.40 -0.54
N ALA B 202 -5.62 -16.45 -1.44
CA ALA B 202 -5.80 -15.40 -2.44
C ALA B 202 -6.10 -14.06 -1.78
N GLU B 203 -6.95 -14.07 -0.76
CA GLU B 203 -7.31 -12.86 -0.04
C GLU B 203 -6.09 -12.24 0.65
N LEU B 204 -5.35 -13.08 1.36
CA LEU B 204 -4.17 -12.62 2.08
C LEU B 204 -3.09 -12.10 1.12
N LEU B 205 -2.78 -12.89 0.10
CA LEU B 205 -1.77 -12.51 -0.86
C LEU B 205 -2.14 -11.23 -1.61
N THR B 206 -3.40 -11.11 -1.99
CA THR B 206 -3.87 -9.93 -2.69
C THR B 206 -3.64 -8.68 -1.85
N GLU B 207 -4.00 -8.76 -0.58
CA GLU B 207 -3.87 -7.63 0.32
C GLU B 207 -2.41 -7.29 0.59
N GLN B 208 -1.60 -8.31 0.87
CA GLN B 208 -0.18 -8.09 1.09
C GLN B 208 0.47 -7.51 -0.16
N THR B 209 0.05 -8.02 -1.31
CA THR B 209 0.58 -7.53 -2.58
C THR B 209 0.28 -6.05 -2.74
N VAL B 210 -0.96 -5.67 -2.48
CA VAL B 210 -1.36 -4.28 -2.56
C VAL B 210 -0.60 -3.43 -1.55
N LEU B 211 -0.58 -3.89 -0.30
CA LEU B 211 0.19 -3.21 0.75
C LEU B 211 1.63 -2.99 0.31
N GLY B 212 2.28 -4.06 -0.14
CA GLY B 212 3.69 -4.02 -0.50
C GLY B 212 4.02 -3.10 -1.64
N ALA B 213 3.20 -3.12 -2.69
CA ALA B 213 3.41 -2.25 -3.84
C ALA B 213 3.26 -0.78 -3.43
N ALA B 214 2.30 -0.51 -2.56
CA ALA B 214 2.05 0.84 -2.08
C ALA B 214 3.20 1.32 -1.19
N ARG B 215 3.62 0.47 -0.26
CA ARG B 215 4.77 0.79 0.58
C ARG B 215 5.99 1.13 -0.26
N MSE B 216 6.31 0.23 -1.19
CA MSE B 216 7.44 0.41 -2.08
C MSE B 216 7.37 1.75 -2.78
O MSE B 216 8.32 2.54 -2.74
CB MSE B 216 7.49 -0.71 -3.11
CG MSE B 216 8.70 -1.60 -2.98
SE MSE B 216 9.11 -2.51 -4.65
CE MSE B 216 7.38 -3.33 -4.99
N ALA B 217 6.25 2.01 -3.44
CA ALA B 217 6.07 3.27 -4.15
C ALA B 217 6.33 4.46 -3.23
N LEU B 218 5.85 4.37 -2.00
CA LEU B 218 5.99 5.45 -1.03
C LEU B 218 7.42 5.71 -0.60
N GLU B 219 8.13 4.64 -0.26
CA GLU B 219 9.45 4.76 0.34
C GLU B 219 10.56 4.75 -0.69
N THR B 220 10.18 4.69 -1.96
CA THR B 220 11.16 4.63 -3.04
C THR B 220 11.10 5.89 -3.89
N GLU B 221 12.25 6.25 -4.46
CA GLU B 221 12.34 7.39 -5.37
C GLU B 221 11.71 7.05 -6.71
N GLN B 222 11.87 5.79 -7.14
CA GLN B 222 11.37 5.36 -8.44
C GLN B 222 9.90 5.65 -8.69
N SER B 223 9.55 5.84 -9.96
CA SER B 223 8.17 5.99 -10.35
C SER B 223 7.53 4.61 -10.31
N VAL B 224 6.21 4.56 -10.42
CA VAL B 224 5.50 3.29 -10.45
C VAL B 224 5.79 2.55 -11.76
N VAL B 225 6.16 3.30 -12.78
CA VAL B 225 6.55 2.72 -14.06
C VAL B 225 7.87 1.95 -13.89
N GLN B 226 8.85 2.59 -13.26
CA GLN B 226 10.14 1.99 -13.03
C GLN B 226 10.08 0.81 -12.07
N LEU B 227 9.26 0.94 -11.03
CA LEU B 227 9.05 -0.16 -10.09
C LEU B 227 8.42 -1.35 -10.80
N ARG B 228 7.56 -1.07 -11.77
CA ARG B 228 6.93 -2.13 -12.55
C ARG B 228 7.99 -2.90 -13.33
N GLN B 229 9.03 -2.21 -13.76
CA GLN B 229 10.12 -2.84 -14.51
C GLN B 229 10.88 -3.86 -13.67
N PHE B 230 11.10 -3.54 -12.41
CA PHE B 230 11.75 -4.47 -11.49
C PHE B 230 11.00 -5.80 -11.44
N VAL B 231 9.69 -5.74 -11.69
CA VAL B 231 8.85 -6.93 -11.62
C VAL B 231 8.83 -7.66 -12.96
N THR B 232 8.95 -6.89 -14.03
CA THR B 232 8.81 -7.42 -15.38
C THR B 232 10.15 -7.79 -16.00
N SER B 233 10.27 -9.05 -16.42
CA SER B 233 11.39 -9.49 -17.22
C SER B 233 10.92 -9.58 -18.67
N PRO B 234 11.73 -9.09 -19.61
CA PRO B 234 11.37 -9.14 -21.04
C PRO B 234 10.92 -10.54 -21.45
N GLY B 235 9.72 -10.64 -22.00
CA GLY B 235 9.19 -11.91 -22.44
C GLY B 235 8.85 -12.85 -21.30
N GLY B 236 8.75 -12.30 -20.09
CA GLY B 236 8.44 -13.09 -18.91
C GLY B 236 6.94 -13.26 -18.69
N THR B 237 6.60 -13.92 -17.59
CA THR B 237 5.21 -14.16 -17.22
C THR B 237 4.47 -12.86 -16.93
N THR B 238 5.05 -12.04 -16.06
CA THR B 238 4.45 -10.77 -15.68
C THR B 238 4.10 -9.95 -16.92
N GLU B 239 5.02 -9.89 -17.88
CA GLU B 239 4.82 -9.09 -19.08
C GLU B 239 3.58 -9.49 -19.84
N GLN B 240 3.25 -10.79 -19.81
CA GLN B 240 2.07 -11.28 -20.52
C GLN B 240 0.79 -10.90 -19.80
N ALA B 241 0.82 -10.91 -18.47
CA ALA B 241 -0.32 -10.50 -17.68
C ALA B 241 -0.56 -8.99 -17.82
N ILE B 242 0.53 -8.25 -17.92
CA ILE B 242 0.47 -6.80 -18.08
C ILE B 242 -0.08 -6.41 -19.46
N LYS B 243 0.31 -7.15 -20.49
CA LYS B 243 -0.20 -6.90 -21.83
C LYS B 243 -1.71 -7.02 -21.85
N VAL B 244 -2.23 -7.96 -21.08
CA VAL B 244 -3.67 -8.15 -20.95
C VAL B 244 -4.32 -6.99 -20.22
N LEU B 245 -3.66 -6.50 -19.17
CA LEU B 245 -4.20 -5.40 -18.38
C LEU B 245 -4.20 -4.11 -19.19
N GLU B 246 -3.19 -3.96 -20.07
CA GLU B 246 -3.15 -2.82 -20.97
C GLU B 246 -4.19 -2.98 -22.08
N SER B 247 -4.62 -4.20 -22.32
CA SER B 247 -5.74 -4.44 -23.25
C SER B 247 -6.91 -3.62 -22.77
N GLY B 248 -7.41 -3.97 -21.58
CA GLY B 248 -8.32 -3.10 -20.87
C GLY B 248 -7.63 -1.75 -20.82
N ASN B 249 -8.37 -0.70 -21.10
CA ASN B 249 -7.74 0.61 -21.23
C ASN B 249 -7.90 1.38 -19.94
N LEU B 250 -7.07 1.00 -18.97
CA LEU B 250 -7.26 1.41 -17.58
C LEU B 250 -7.10 2.90 -17.33
N ARG B 251 -6.13 3.54 -17.98
CA ARG B 251 -6.01 4.98 -17.83
C ARG B 251 -7.35 5.62 -18.18
N GLU B 252 -7.88 5.28 -19.35
CA GLU B 252 -9.14 5.84 -19.81
C GLU B 252 -10.32 5.39 -18.95
N LEU B 253 -10.29 4.15 -18.48
CA LEU B 253 -11.35 3.68 -17.60
C LEU B 253 -11.40 4.54 -16.34
N PHE B 254 -10.21 4.84 -15.79
CA PHE B 254 -10.12 5.63 -14.57
C PHE B 254 -10.45 7.10 -14.80
N ILE B 255 -10.09 7.61 -15.97
CA ILE B 255 -10.42 8.99 -16.32
C ILE B 255 -11.93 9.20 -16.29
N LYS B 256 -12.67 8.26 -16.88
CA LYS B 256 -14.12 8.32 -16.88
C LYS B 256 -14.65 8.16 -15.47
N ALA B 257 -14.03 7.27 -14.70
CA ALA B 257 -14.45 7.00 -13.34
C ALA B 257 -14.32 8.25 -12.47
N LEU B 258 -13.14 8.86 -12.46
CA LEU B 258 -12.90 10.05 -11.68
C LEU B 258 -13.69 11.25 -12.19
N THR B 259 -13.94 11.28 -13.50
CA THR B 259 -14.77 12.32 -14.08
C THR B 259 -16.20 12.21 -13.56
N ALA B 260 -16.76 11.00 -13.60
CA ALA B 260 -18.09 10.76 -13.05
C ALA B 260 -18.13 11.21 -11.59
N ALA B 261 -17.09 10.84 -10.84
CA ALA B 261 -17.00 11.19 -9.42
C ALA B 261 -16.96 12.69 -9.21
N VAL B 262 -16.08 13.38 -9.93
CA VAL B 262 -15.95 14.83 -9.80
C VAL B 262 -17.23 15.56 -10.21
N ASN B 263 -17.84 15.12 -11.30
CA ASN B 263 -19.10 15.70 -11.74
C ASN B 263 -20.14 15.61 -10.63
N ARG B 264 -20.23 14.44 -10.01
CA ARG B 264 -21.17 14.23 -8.92
C ARG B 264 -20.79 15.10 -7.73
N ALA B 265 -19.50 15.25 -7.47
CA ALA B 265 -19.04 16.06 -6.35
C ALA B 265 -19.45 17.51 -6.53
N LYS B 266 -19.30 18.02 -7.75
CA LYS B 266 -19.72 19.39 -8.07
C LYS B 266 -21.22 19.59 -7.82
N GLU B 267 -22.03 18.67 -8.35
CA GLU B 267 -23.47 18.73 -8.15
C GLU B 267 -23.83 18.74 -6.67
N LEU B 268 -23.10 17.96 -5.88
CA LEU B 268 -23.39 17.80 -4.47
C LEU B 268 -22.75 18.91 -3.65
N SER B 269 -21.96 19.74 -4.31
CA SER B 269 -21.21 20.80 -3.63
C SER B 269 -22.14 21.89 -3.10
N LYS B 270 -21.95 22.23 -1.83
CA LYS B 270 -22.76 23.26 -1.19
C LYS B 270 -22.04 24.62 -1.21
N THR B 271 -22.68 25.62 -1.80
CA THR B 271 -22.06 26.92 -2.01
C THR B 271 -22.91 28.07 -1.47
PA NAP C . 17.10 -10.23 -13.42
O1A NAP C . 16.61 -10.10 -14.82
O2A NAP C . 17.07 -8.92 -12.74
O5B NAP C . 18.57 -10.87 -13.45
C5B NAP C . 19.02 -11.79 -12.48
C4B NAP C . 20.54 -11.75 -12.54
O4B NAP C . 21.11 -13.04 -12.65
C3B NAP C . 21.02 -10.97 -13.75
O3B NAP C . 21.58 -9.76 -13.31
C2B NAP C . 22.08 -11.83 -14.43
O2B NAP C . 23.25 -11.10 -14.69
C1B NAP C . 22.32 -12.91 -13.38
N9A NAP C . 22.83 -14.15 -13.99
C8A NAP C . 22.41 -14.74 -15.15
N7A NAP C . 23.15 -15.87 -15.34
C5A NAP C . 24.01 -16.00 -14.30
C6A NAP C . 24.97 -16.95 -14.00
N6A NAP C . 25.17 -17.99 -14.80
N1A NAP C . 25.72 -16.81 -12.85
C2A NAP C . 25.52 -15.74 -12.00
N3A NAP C . 24.56 -14.80 -12.32
C4A NAP C . 23.82 -14.92 -13.45
O3 NAP C . 16.25 -11.32 -12.60
PN NAP C . 15.01 -11.20 -11.59
O1N NAP C . 13.92 -10.40 -12.19
O2N NAP C . 15.57 -10.83 -10.28
O5D NAP C . 14.56 -12.74 -11.55
C5D NAP C . 15.37 -13.64 -10.84
C4D NAP C . 14.53 -14.84 -10.44
O4D NAP C . 13.55 -14.46 -9.50
C3D NAP C . 13.80 -15.37 -11.66
O3D NAP C . 13.97 -16.76 -11.72
C2D NAP C . 12.35 -15.01 -11.43
O2D NAP C . 11.50 -16.01 -11.92
C1D NAP C . 12.27 -14.89 -9.92
N1N NAP C . 11.23 -13.93 -9.49
C2N NAP C . 11.34 -12.60 -9.82
C3N NAP C . 10.35 -11.70 -9.42
C7N NAP C . 10.44 -10.26 -9.81
O7N NAP C . 9.33 -9.43 -9.58
N7N NAP C . 11.56 -9.80 -10.35
C4N NAP C . 9.27 -12.15 -8.66
C5N NAP C . 9.18 -13.50 -8.33
C6N NAP C . 10.17 -14.37 -8.75
P2B NAP C . 23.29 -10.10 -15.95
O1X NAP C . 24.22 -8.95 -15.61
O2X NAP C . 21.92 -9.56 -16.28
O3X NAP C . 23.81 -10.84 -17.16
P PO4 D . -8.36 -9.92 6.09
O1 PO4 D . -7.23 -10.44 5.23
O2 PO4 D . -9.22 -11.07 6.53
O3 PO4 D . -7.76 -9.24 7.31
O4 PO4 D . -9.22 -8.95 5.32
P PO4 E . 28.43 -15.62 2.37
O1 PO4 E . 29.34 -15.62 1.17
O2 PO4 E . 28.03 -17.04 2.67
O3 PO4 E . 29.15 -15.00 3.54
O4 PO4 E . 27.17 -14.82 2.09
P PO4 F . -2.31 13.73 -18.25
O1 PO4 F . -2.57 12.25 -18.30
O2 PO4 F . -1.89 14.13 -16.86
O3 PO4 F . -1.18 14.11 -19.17
O4 PO4 F . -3.57 14.48 -18.64
PA NAP G . -20.25 10.21 12.89
O1A NAP G . -21.20 9.57 11.96
O2A NAP G . -19.54 9.19 13.70
O5B NAP G . -21.00 11.28 13.84
C5B NAP G . -20.37 12.50 14.13
C4B NAP G . -20.67 12.90 15.57
O4B NAP G . -21.07 14.25 15.68
C3B NAP G . -21.80 12.08 16.17
O3B NAP G . -21.27 11.15 17.10
C2B NAP G . -22.70 13.06 16.88
O2B NAP G . -22.92 12.65 18.21
C1B NAP G . -21.91 14.36 16.81
N9A NAP G . -22.81 15.52 16.76
C8A NAP G . -23.91 15.66 15.98
N7A NAP G . -24.47 16.86 16.23
C5A NAP G . -23.73 17.49 17.18
C6A NAP G . -23.86 18.74 17.78
N6A NAP G . -24.86 19.54 17.46
N1A NAP G . -22.93 19.11 18.72
C2A NAP G . -21.89 18.27 19.06
N3A NAP G . -21.77 17.04 18.44
C4A NAP G . -22.68 16.66 17.52
O3 NAP G . -19.21 11.17 12.15
PN NAP G . -18.02 10.94 11.09
O1N NAP G . -18.37 9.76 10.26
O2N NAP G . -16.75 11.00 11.84
O5D NAP G . -18.15 12.27 10.18
C5D NAP G . -17.88 13.52 10.76
C4D NAP G . -18.01 14.62 9.71
O4D NAP G . -16.79 14.79 9.00
C3D NAP G . -19.09 14.25 8.70
O3D NAP G . -19.81 15.41 8.36
C2D NAP G . -18.32 13.77 7.48
O2D NAP G . -18.95 14.19 6.29
C1D NAP G . -16.98 14.48 7.63
N1N NAP G . -15.85 13.66 7.16
C2N NAP G . -15.98 12.78 6.13
C3N NAP G . -14.90 12.01 5.71
C7N NAP G . -15.17 10.66 5.11
O7N NAP G . -14.44 9.55 5.58
N7N NAP G . -16.08 10.54 4.14
C4N NAP G . -13.68 12.17 6.35
C5N NAP G . -13.56 13.07 7.39
C6N NAP G . -14.66 13.82 7.80
P2B NAP G . -24.15 11.66 18.49
O1X NAP G . -23.61 10.38 19.09
O2X NAP G . -24.85 11.34 17.19
O3X NAP G . -25.12 12.32 19.45
CL CL H . 0.18 20.02 30.72
P PO4 I . 9.32 -13.96 -14.64
O1 PO4 I . 10.81 -14.21 -14.67
O2 PO4 I . 8.81 -14.24 -13.23
O3 PO4 I . 9.00 -12.52 -15.00
O4 PO4 I . 8.66 -14.91 -15.62
#